data_7AKX
#
_entry.id   7AKX
#
_cell.length_a   40.177
_cell.length_b   56.968
_cell.length_c   62.340
_cell.angle_alpha   113.900
_cell.angle_beta   90.010
_cell.angle_gamma   91.490
#
_symmetry.space_group_name_H-M   'P 1'
#
loop_
_entity.id
_entity.type
_entity.pdbx_description
1 polymer 'viral rhodopsin OLPVR1'
2 non-polymer EICOSANE
3 non-polymer 'OLEIC ACID'
4 non-polymer '(2R)-2,3-dihydroxypropyl (9Z)-octadec-9-enoate'
5 water water
#
_entity_poly.entity_id   1
_entity_poly.type   'polypeptide(L)'
_entity_poly.pdbx_seq_one_letter_code
;MDNIIMTAYISIFVQIITAIISVYGLFIPLNFKDIILREILILELIVQIIEFIFYIWLIITLQSINEDITYVRYFDWVLT
TPVMLLTTVYFFEYMNSDDGIRKKEINDRDYVYLFYICLSNFFMLLIGYLGETKQINKMLTLFGGSFFLFLTFYLLYVKY
TKENWMNYIVFYFMFLVWFLYGFAFMFPFSIKNQMYNILDIVS(LYR)NIYSIFIFIVILNQSYKLLLEHHHHHH
;
_entity_poly.pdbx_strand_id   A,B
#
# COMPACT_ATOMS: atom_id res chain seq x y z
N ASP A 2 -4.06 -24.97 1.71
CA ASP A 2 -5.04 -24.00 1.17
C ASP A 2 -5.12 -22.78 2.11
N ASN A 3 -5.11 -23.02 3.42
CA ASN A 3 -5.54 -22.04 4.44
C ASN A 3 -4.42 -21.02 4.68
N ILE A 4 -3.15 -21.41 4.52
CA ILE A 4 -1.98 -20.49 4.62
C ILE A 4 -2.06 -19.48 3.47
N ILE A 5 -2.20 -19.97 2.24
CA ILE A 5 -2.27 -19.15 1.01
C ILE A 5 -3.49 -18.22 1.11
N MET A 6 -4.61 -18.74 1.60
CA MET A 6 -5.90 -18.00 1.73
C MET A 6 -5.70 -16.84 2.70
N THR A 7 -5.16 -17.11 3.90
CA THR A 7 -4.95 -16.10 4.96
C THR A 7 -3.86 -15.11 4.54
N ALA A 8 -2.90 -15.56 3.71
CA ALA A 8 -1.85 -14.70 3.12
C ALA A 8 -2.49 -13.67 2.18
N TYR A 9 -3.43 -14.08 1.34
CA TYR A 9 -4.16 -13.17 0.41
C TYR A 9 -4.99 -12.18 1.21
N ILE A 10 -5.67 -12.64 2.27
CA ILE A 10 -6.49 -11.79 3.18
C ILE A 10 -5.57 -10.73 3.80
N SER A 11 -4.46 -11.16 4.40
CA SER A 11 -3.42 -10.26 4.97
C SER A 11 -3.04 -9.19 3.94
N ILE A 12 -2.73 -9.60 2.71
CA ILE A 12 -2.24 -8.68 1.63
C ILE A 12 -3.34 -7.67 1.31
N PHE A 13 -4.60 -8.11 1.25
CA PHE A 13 -5.80 -7.24 1.06
C PHE A 13 -5.80 -6.17 2.16
N VAL A 14 -5.73 -6.58 3.42
CA VAL A 14 -5.85 -5.66 4.59
C VAL A 14 -4.63 -4.73 4.60
N GLN A 15 -3.45 -5.25 4.24
CA GLN A 15 -2.21 -4.44 4.05
C GLN A 15 -2.47 -3.29 3.08
N ILE A 16 -3.08 -3.57 1.93
CA ILE A 16 -3.28 -2.56 0.85
C ILE A 16 -4.27 -1.50 1.34
N ILE A 17 -5.36 -1.92 2.00
CA ILE A 17 -6.41 -1.02 2.56
C ILE A 17 -5.78 -0.12 3.62
N THR A 18 -4.96 -0.70 4.49
CA THR A 18 -4.29 0.02 5.61
C THR A 18 -3.29 1.02 5.05
N ALA A 19 -2.56 0.67 4.01
CA ALA A 19 -1.55 1.55 3.38
C ALA A 19 -2.26 2.78 2.81
N ILE A 20 -3.44 2.58 2.20
CA ILE A 20 -4.29 3.65 1.59
C ILE A 20 -4.72 4.61 2.70
N ILE A 21 -5.30 4.06 3.77
CA ILE A 21 -5.77 4.83 4.96
C ILE A 21 -4.58 5.61 5.52
N SER A 22 -3.43 4.96 5.69
CA SER A 22 -2.20 5.55 6.29
C SER A 22 -1.72 6.76 5.46
N VAL A 23 -1.65 6.61 4.14
CA VAL A 23 -1.12 7.67 3.24
C VAL A 23 -2.06 8.88 3.30
N TYR A 24 -3.37 8.66 3.29
CA TYR A 24 -4.39 9.71 3.50
C TYR A 24 -4.12 10.41 4.85
N GLY A 25 -3.86 9.61 5.88
CA GLY A 25 -3.59 10.10 7.25
C GLY A 25 -2.48 11.14 7.30
N LEU A 26 -1.49 11.03 6.41
CA LEU A 26 -0.25 11.86 6.43
C LEU A 26 -0.57 13.30 6.03
N PHE A 27 -1.70 13.48 5.33
N PHE A 27 -1.66 13.55 5.32
CA PHE A 27 -2.11 14.72 4.61
CA PHE A 27 -1.94 14.88 4.73
C PHE A 27 -3.05 15.54 5.49
C PHE A 27 -3.25 15.44 5.33
N ILE A 28 -3.68 14.85 6.45
CA ILE A 28 -4.72 15.42 7.35
C ILE A 28 -4.10 16.52 8.19
N PRO A 29 -4.68 17.74 8.23
CA PRO A 29 -4.10 18.85 8.99
C PRO A 29 -4.04 18.55 10.49
N LEU A 30 -2.91 18.85 11.13
CA LEU A 30 -2.69 18.69 12.58
C LEU A 30 -2.06 19.96 13.16
N ASN A 31 -2.37 20.28 14.42
CA ASN A 31 -1.58 21.19 15.27
C ASN A 31 -0.14 20.67 15.34
N PHE A 32 0.84 21.57 15.42
CA PHE A 32 2.28 21.23 15.39
C PHE A 32 2.60 20.24 16.52
N LYS A 33 1.87 20.31 17.64
CA LYS A 33 2.16 19.48 18.84
C LYS A 33 1.75 18.01 18.58
N ASP A 34 0.97 17.76 17.53
CA ASP A 34 0.41 16.42 17.22
C ASP A 34 1.21 15.72 16.11
N ILE A 35 2.25 16.35 15.56
CA ILE A 35 2.88 15.89 14.29
C ILE A 35 3.67 14.58 14.53
N ILE A 36 3.92 14.19 15.77
CA ILE A 36 4.57 12.87 16.06
C ILE A 36 3.67 11.75 15.53
N LEU A 37 2.35 11.94 15.49
CA LEU A 37 1.42 10.92 14.93
C LEU A 37 1.78 10.65 13.46
N ARG A 38 2.14 11.69 12.71
CA ARG A 38 2.65 11.57 11.31
C ARG A 38 3.98 10.80 11.29
N GLU A 39 4.90 11.11 12.22
CA GLU A 39 6.20 10.41 12.32
C GLU A 39 5.93 8.91 12.51
N ILE A 40 4.95 8.57 13.35
CA ILE A 40 4.56 7.16 13.64
C ILE A 40 4.04 6.51 12.37
N LEU A 41 3.12 7.16 11.65
CA LEU A 41 2.49 6.59 10.42
C LEU A 41 3.57 6.33 9.37
N ILE A 42 4.56 7.22 9.24
CA ILE A 42 5.68 7.07 8.27
C ILE A 42 6.43 5.78 8.61
N LEU A 43 6.75 5.56 9.88
CA LEU A 43 7.51 4.36 10.33
C LEU A 43 6.65 3.11 10.10
N GLU A 44 5.33 3.20 10.35
CA GLU A 44 4.38 2.09 10.13
C GLU A 44 4.34 1.73 8.63
N LEU A 45 4.43 2.73 7.75
CA LEU A 45 4.46 2.51 6.28
C LEU A 45 5.79 1.87 5.86
N ILE A 46 6.89 2.21 6.52
CA ILE A 46 8.21 1.56 6.26
C ILE A 46 8.10 0.07 6.65
N VAL A 47 7.51 -0.20 7.80
CA VAL A 47 7.24 -1.60 8.26
C VAL A 47 6.41 -2.31 7.18
N GLN A 48 5.40 -1.63 6.63
CA GLN A 48 4.45 -2.23 5.65
C GLN A 48 5.21 -2.65 4.40
N ILE A 49 6.25 -1.91 4.01
CA ILE A 49 7.09 -2.25 2.82
C ILE A 49 7.71 -3.63 3.05
N ILE A 50 8.30 -3.83 4.23
CA ILE A 50 8.99 -5.10 4.59
C ILE A 50 7.95 -6.22 4.66
N GLU A 51 6.81 -5.97 5.32
CA GLU A 51 5.72 -6.97 5.49
C GLU A 51 5.24 -7.41 4.11
N PHE A 52 5.03 -6.46 3.20
CA PHE A 52 4.50 -6.72 1.84
C PHE A 52 5.45 -7.64 1.07
N ILE A 53 6.75 -7.32 1.06
CA ILE A 53 7.77 -8.13 0.33
C ILE A 53 7.73 -9.56 0.88
N PHE A 54 7.63 -9.73 2.19
CA PHE A 54 7.55 -11.09 2.80
C PHE A 54 6.30 -11.79 2.27
N TYR A 55 5.16 -11.13 2.27
CA TYR A 55 3.85 -11.77 1.94
C TYR A 55 3.82 -12.13 0.45
N ILE A 56 4.41 -11.31 -0.41
CA ILE A 56 4.51 -11.64 -1.86
C ILE A 56 5.43 -12.86 -2.01
N TRP A 57 6.58 -12.87 -1.32
CA TRP A 57 7.52 -14.02 -1.34
C TRP A 57 6.76 -15.28 -0.90
N LEU A 58 5.93 -15.18 0.14
CA LEU A 58 5.22 -16.34 0.73
C LEU A 58 4.22 -16.91 -0.29
N ILE A 59 3.38 -16.05 -0.88
CA ILE A 59 2.29 -16.50 -1.79
C ILE A 59 2.92 -17.12 -3.04
N ILE A 60 4.01 -16.57 -3.55
CA ILE A 60 4.70 -17.11 -4.76
C ILE A 60 5.36 -18.45 -4.40
N THR A 61 6.03 -18.52 -3.24
CA THR A 61 6.88 -19.65 -2.77
C THR A 61 6.00 -20.85 -2.40
N LEU A 62 4.84 -20.60 -1.80
CA LEU A 62 3.93 -21.63 -1.23
C LEU A 62 3.37 -22.53 -2.34
N GLN A 63 3.41 -22.08 -3.60
CA GLN A 63 3.05 -22.92 -4.78
C GLN A 63 3.79 -24.26 -4.70
N SER A 64 5.08 -24.21 -4.34
CA SER A 64 6.00 -25.38 -4.29
C SER A 64 6.98 -25.21 -3.13
N ILE A 65 6.74 -25.91 -2.01
CA ILE A 65 7.53 -25.82 -0.76
C ILE A 65 7.96 -27.24 -0.35
N ASN A 66 9.23 -27.41 0.00
CA ASN A 66 9.84 -28.72 0.37
C ASN A 66 10.55 -28.59 1.72
N GLU A 67 10.14 -27.64 2.55
CA GLU A 67 10.60 -27.50 3.97
C GLU A 67 9.66 -26.56 4.73
N ASP A 68 9.74 -26.58 6.06
CA ASP A 68 9.03 -25.64 6.96
C ASP A 68 9.72 -24.27 6.88
N ILE A 69 9.11 -23.32 6.16
CA ILE A 69 9.73 -22.01 5.80
C ILE A 69 9.30 -20.93 6.81
N THR A 70 8.74 -21.31 7.96
CA THR A 70 8.32 -20.36 9.03
C THR A 70 9.52 -19.46 9.39
N TYR A 71 10.73 -20.00 9.45
CA TYR A 71 11.94 -19.28 9.90
C TYR A 71 12.15 -18.02 9.05
N VAL A 72 11.65 -18.00 7.81
CA VAL A 72 11.85 -16.84 6.88
C VAL A 72 11.13 -15.60 7.43
N ARG A 73 10.06 -15.77 8.23
CA ARG A 73 9.34 -14.63 8.87
C ARG A 73 10.32 -13.79 9.70
N TYR A 74 11.35 -14.41 10.27
CA TYR A 74 12.28 -13.74 11.23
C TYR A 74 13.09 -12.66 10.50
N PHE A 75 13.29 -12.82 9.20
CA PHE A 75 14.03 -11.84 8.35
C PHE A 75 13.22 -10.55 8.27
N ASP A 76 11.89 -10.67 8.29
CA ASP A 76 10.92 -9.56 8.43
C ASP A 76 10.96 -9.05 9.88
N TRP A 77 10.71 -9.93 10.86
CA TRP A 77 10.53 -9.52 12.28
C TRP A 77 11.77 -8.77 12.79
N VAL A 78 12.96 -9.20 12.42
CA VAL A 78 14.22 -8.64 12.99
C VAL A 78 14.34 -7.16 12.60
N LEU A 79 13.71 -6.76 11.47
CA LEU A 79 13.69 -5.36 10.97
C LEU A 79 12.47 -4.61 11.53
N THR A 80 11.29 -5.23 11.55
CA THR A 80 10.01 -4.51 11.78
C THR A 80 9.76 -4.34 13.27
N THR A 81 10.01 -5.35 14.10
CA THR A 81 9.60 -5.34 15.53
C THR A 81 10.33 -4.23 16.28
N PRO A 82 11.65 -3.97 16.05
CA PRO A 82 12.30 -2.83 16.69
C PRO A 82 11.63 -1.49 16.33
N VAL A 83 11.29 -1.29 15.06
CA VAL A 83 10.60 -0.06 14.58
C VAL A 83 9.26 0.04 15.29
N MET A 84 8.54 -1.09 15.42
CA MET A 84 7.20 -1.12 16.07
C MET A 84 7.33 -0.80 17.56
N LEU A 85 8.39 -1.26 18.22
CA LEU A 85 8.62 -0.92 19.65
C LEU A 85 8.89 0.59 19.76
N LEU A 86 9.66 1.16 18.83
CA LEU A 86 9.95 2.62 18.79
C LEU A 86 8.64 3.41 18.63
N THR A 87 7.76 3.01 17.72
CA THR A 87 6.50 3.76 17.43
C THR A 87 5.56 3.61 18.64
N THR A 88 5.65 2.50 19.39
CA THR A 88 4.88 2.29 20.62
C THR A 88 5.33 3.30 21.67
N VAL A 89 6.65 3.41 21.88
CA VAL A 89 7.24 4.42 22.79
C VAL A 89 6.74 5.81 22.38
N TYR A 90 6.82 6.16 21.09
CA TYR A 90 6.41 7.50 20.58
C TYR A 90 4.95 7.75 20.96
N PHE A 91 4.08 6.75 20.75
CA PHE A 91 2.64 6.90 21.04
C PHE A 91 2.40 7.16 22.53
N PHE A 92 3.04 6.36 23.40
N PHE A 92 3.03 6.35 23.40
CA PHE A 92 2.88 6.48 24.87
CA PHE A 92 2.90 6.47 24.88
C PHE A 92 3.38 7.86 25.34
C PHE A 92 3.37 7.86 25.32
N GLU A 93 4.50 8.32 24.77
CA GLU A 93 5.07 9.66 25.08
C GLU A 93 4.08 10.75 24.60
N TYR A 94 3.55 10.62 23.38
CA TYR A 94 2.47 11.49 22.85
C TYR A 94 1.28 11.50 23.83
N MET A 95 0.79 10.32 24.19
CA MET A 95 -0.43 10.15 25.03
C MET A 95 -0.21 10.83 26.39
N ASN A 96 1.01 10.74 26.93
CA ASN A 96 1.31 11.01 28.36
C ASN A 96 1.99 12.39 28.51
N SER A 97 2.30 13.06 27.39
CA SER A 97 2.99 14.38 27.36
C SER A 97 1.97 15.52 27.22
N ASP A 98 1.79 16.33 28.27
CA ASP A 98 0.97 17.56 28.25
C ASP A 98 1.59 18.55 27.24
N ASP A 99 2.92 18.56 27.15
CA ASP A 99 3.69 19.36 26.16
C ASP A 99 3.86 18.55 24.88
N GLY A 100 3.87 19.23 23.73
CA GLY A 100 4.29 18.67 22.43
C GLY A 100 5.62 17.96 22.56
N ILE A 101 5.73 16.76 22.00
CA ILE A 101 7.02 15.99 21.93
C ILE A 101 7.13 15.34 20.55
N ARG A 102 8.35 15.29 20.00
CA ARG A 102 8.65 14.64 18.69
C ARG A 102 9.73 13.58 18.89
N LYS A 103 9.92 12.70 17.89
CA LYS A 103 10.76 11.49 18.06
C LYS A 103 12.21 11.91 18.28
N LYS A 104 12.68 12.99 17.65
CA LYS A 104 14.08 13.46 17.79
C LYS A 104 14.42 13.64 19.27
N GLU A 105 13.57 14.37 20.00
CA GLU A 105 13.75 14.67 21.45
C GLU A 105 13.76 13.36 22.25
N ILE A 106 12.85 12.43 21.93
CA ILE A 106 12.74 11.12 22.64
C ILE A 106 14.00 10.28 22.33
N ASN A 107 14.39 10.20 21.06
CA ASN A 107 15.57 9.43 20.59
C ASN A 107 16.84 9.96 21.25
N ASP A 108 17.01 11.29 21.29
CA ASP A 108 18.22 11.97 21.83
C ASP A 108 18.30 11.70 23.33
N ARG A 109 17.18 11.81 24.03
CA ARG A 109 17.11 11.71 25.51
C ARG A 109 17.27 10.25 25.94
N ASP A 110 16.62 9.32 25.22
CA ASP A 110 16.36 7.94 25.72
C ASP A 110 17.13 6.93 24.89
N TYR A 111 18.08 7.36 24.06
CA TYR A 111 18.84 6.48 23.13
C TYR A 111 19.25 5.18 23.84
N VAL A 112 19.91 5.28 24.99
CA VAL A 112 20.48 4.11 25.73
C VAL A 112 19.34 3.15 26.07
N TYR A 113 18.27 3.66 26.68
CA TYR A 113 17.13 2.82 27.15
C TYR A 113 16.48 2.14 25.94
N LEU A 114 16.25 2.88 24.86
CA LEU A 114 15.59 2.36 23.63
C LEU A 114 16.48 1.26 23.02
N PHE A 115 17.80 1.44 23.08
CA PHE A 115 18.77 0.43 22.58
C PHE A 115 18.55 -0.88 23.33
N TYR A 116 18.40 -0.80 24.65
CA TYR A 116 18.23 -1.99 25.53
C TYR A 116 16.85 -2.63 25.28
N ILE A 117 15.79 -1.84 25.04
CA ILE A 117 14.48 -2.41 24.65
C ILE A 117 14.67 -3.25 23.38
N CYS A 118 15.34 -2.71 22.37
CA CYS A 118 15.55 -3.40 21.07
C CYS A 118 16.49 -4.59 21.26
N LEU A 119 17.45 -4.51 22.18
CA LEU A 119 18.40 -5.62 22.45
C LEU A 119 17.62 -6.79 23.07
N SER A 120 16.75 -6.52 24.05
CA SER A 120 15.90 -7.55 24.67
C SER A 120 15.09 -8.23 23.57
N ASN A 121 14.47 -7.42 22.71
CA ASN A 121 13.59 -7.91 21.61
C ASN A 121 14.43 -8.76 20.65
N PHE A 122 15.66 -8.32 20.36
CA PHE A 122 16.56 -9.07 19.45
C PHE A 122 16.82 -10.48 20.02
N PHE A 123 17.11 -10.58 21.33
CA PHE A 123 17.39 -11.87 22.00
C PHE A 123 16.15 -12.77 21.95
N MET A 124 14.96 -12.20 22.12
CA MET A 124 13.69 -12.94 21.96
C MET A 124 13.65 -13.60 20.57
N LEU A 125 13.90 -12.81 19.52
CA LEU A 125 13.83 -13.29 18.11
C LEU A 125 14.92 -14.34 17.84
N LEU A 126 16.12 -14.11 18.36
CA LEU A 126 17.28 -15.03 18.13
C LEU A 126 16.95 -16.40 18.72
N ILE A 127 16.42 -16.42 19.94
CA ILE A 127 16.00 -17.69 20.61
C ILE A 127 14.89 -18.34 19.78
N GLY A 128 13.88 -17.59 19.35
CA GLY A 128 12.81 -18.09 18.48
C GLY A 128 13.37 -18.71 17.21
N TYR A 129 14.34 -18.04 16.61
CA TYR A 129 14.94 -18.46 15.32
C TYR A 129 15.66 -19.80 15.51
N LEU A 130 16.43 -19.93 16.59
CA LEU A 130 17.17 -21.17 16.96
C LEU A 130 16.17 -22.31 17.19
N GLY A 131 15.02 -22.01 17.80
CA GLY A 131 13.92 -22.97 18.00
C GLY A 131 13.25 -23.36 16.68
N GLU A 132 12.94 -22.36 15.85
CA GLU A 132 12.22 -22.56 14.56
C GLU A 132 13.08 -23.42 13.63
N THR A 133 14.41 -23.26 13.69
CA THR A 133 15.36 -23.97 12.80
C THR A 133 15.89 -25.22 13.53
N LYS A 134 15.29 -25.56 14.66
CA LYS A 134 15.40 -26.89 15.33
C LYS A 134 16.81 -27.06 15.92
N GLN A 135 17.47 -25.95 16.26
CA GLN A 135 18.84 -25.97 16.83
C GLN A 135 18.78 -26.04 18.36
N ILE A 136 17.64 -25.66 18.95
CA ILE A 136 17.30 -25.88 20.39
C ILE A 136 15.86 -26.40 20.47
N ASN A 137 15.52 -27.13 21.54
CA ASN A 137 14.18 -27.77 21.64
C ASN A 137 13.13 -26.68 21.91
N LYS A 138 11.87 -26.99 21.60
CA LYS A 138 10.74 -26.03 21.55
C LYS A 138 10.44 -25.52 22.96
N MET A 139 10.60 -26.34 23.99
CA MET A 139 10.30 -25.93 25.39
C MET A 139 11.27 -24.82 25.81
N LEU A 140 12.57 -25.02 25.62
CA LEU A 140 13.63 -24.03 25.93
C LEU A 140 13.36 -22.75 25.15
N THR A 141 12.96 -22.87 23.88
CA THR A 141 12.65 -21.72 23.00
C THR A 141 11.52 -20.90 23.62
N LEU A 142 10.42 -21.58 23.95
CA LEU A 142 9.20 -20.95 24.54
C LEU A 142 9.61 -20.20 25.81
N PHE A 143 10.39 -20.84 26.70
CA PHE A 143 10.81 -20.22 27.98
C PHE A 143 11.70 -19.01 27.72
N GLY A 144 12.79 -19.20 26.98
CA GLY A 144 13.77 -18.13 26.70
C GLY A 144 13.15 -16.97 25.95
N GLY A 145 12.41 -17.28 24.88
CA GLY A 145 11.67 -16.27 24.10
C GLY A 145 10.70 -15.49 24.96
N SER A 146 9.92 -16.17 25.79
CA SER A 146 8.93 -15.53 26.69
C SER A 146 9.66 -14.65 27.70
N PHE A 147 10.81 -15.09 28.21
CA PHE A 147 11.59 -14.31 29.20
C PHE A 147 11.89 -12.93 28.60
N PHE A 148 12.38 -12.92 27.35
CA PHE A 148 12.80 -11.67 26.69
C PHE A 148 11.57 -10.85 26.26
N LEU A 149 10.48 -11.49 25.83
CA LEU A 149 9.20 -10.77 25.57
C LEU A 149 8.78 -10.00 26.83
N PHE A 150 8.77 -10.66 27.99
CA PHE A 150 8.32 -10.07 29.28
C PHE A 150 9.29 -8.94 29.68
N LEU A 151 10.60 -9.16 29.48
CA LEU A 151 11.62 -8.13 29.77
C LEU A 151 11.37 -6.89 28.89
N THR A 152 11.16 -7.09 27.59
CA THR A 152 10.90 -5.97 26.63
C THR A 152 9.72 -5.14 27.13
N PHE A 153 8.61 -5.81 27.49
CA PHE A 153 7.34 -5.11 27.84
C PHE A 153 7.45 -4.51 29.24
N TYR A 154 8.21 -5.14 30.13
CA TYR A 154 8.54 -4.57 31.47
C TYR A 154 9.26 -3.23 31.28
N LEU A 155 10.32 -3.22 30.47
CA LEU A 155 11.13 -2.01 30.19
C LEU A 155 10.20 -0.91 29.64
N LEU A 156 9.34 -1.26 28.70
N LEU A 156 9.33 -1.26 28.70
CA LEU A 156 8.34 -0.34 28.10
CA LEU A 156 8.35 -0.34 28.09
C LEU A 156 7.44 0.21 29.20
C LEU A 156 7.41 0.20 29.19
N TYR A 157 6.84 -0.70 29.99
CA TYR A 157 5.88 -0.36 31.06
C TYR A 157 6.48 0.68 32.03
N VAL A 158 7.64 0.39 32.61
CA VAL A 158 8.13 1.13 33.81
C VAL A 158 8.57 2.54 33.39
N LYS A 159 8.98 2.73 32.14
CA LYS A 159 9.52 4.03 31.64
C LYS A 159 8.41 4.89 31.02
N TYR A 160 7.44 4.29 30.33
CA TYR A 160 6.65 5.02 29.30
C TYR A 160 5.14 5.01 29.60
N THR A 161 4.65 4.15 30.49
CA THR A 161 3.20 4.12 30.82
C THR A 161 2.91 5.08 31.99
N LYS A 162 1.67 5.56 32.07
CA LYS A 162 1.08 6.16 33.30
C LYS A 162 -0.09 5.27 33.76
N GLU A 163 -0.51 5.44 35.01
CA GLU A 163 -1.52 4.56 35.67
C GLU A 163 -2.93 5.10 35.41
N ASN A 164 -3.46 4.84 34.20
CA ASN A 164 -4.87 5.15 33.83
C ASN A 164 -5.33 4.17 32.73
N TRP A 165 -6.63 4.16 32.41
CA TRP A 165 -7.28 3.12 31.59
C TRP A 165 -6.74 3.15 30.16
N MET A 166 -6.52 4.37 29.63
N MET A 166 -6.50 4.37 29.63
CA MET A 166 -5.99 4.60 28.26
CA MET A 166 -5.99 4.60 28.26
C MET A 166 -4.66 3.86 28.11
C MET A 166 -4.64 3.89 28.09
N ASN A 167 -3.82 3.91 29.14
CA ASN A 167 -2.45 3.32 29.11
C ASN A 167 -2.55 1.80 29.23
N TYR A 168 -3.36 1.30 30.19
CA TYR A 168 -3.58 -0.15 30.42
C TYR A 168 -4.10 -0.81 29.14
N ILE A 169 -5.07 -0.17 28.49
CA ILE A 169 -5.81 -0.75 27.33
C ILE A 169 -4.81 -0.97 26.19
N VAL A 170 -4.09 0.08 25.78
CA VAL A 170 -3.11 0.01 24.67
C VAL A 170 -2.01 -0.98 25.04
N PHE A 171 -1.43 -0.84 26.24
CA PHE A 171 -0.25 -1.64 26.66
C PHE A 171 -0.62 -3.12 26.63
N TYR A 172 -1.72 -3.49 27.29
CA TYR A 172 -2.04 -4.90 27.59
C TYR A 172 -2.60 -5.59 26.35
N PHE A 173 -3.30 -4.85 25.49
CA PHE A 173 -3.75 -5.38 24.17
C PHE A 173 -2.51 -5.71 23.33
N MET A 174 -1.55 -4.78 23.26
CA MET A 174 -0.31 -5.00 22.46
C MET A 174 0.45 -6.20 23.03
N PHE A 175 0.59 -6.26 24.36
N PHE A 175 0.61 -6.27 24.36
CA PHE A 175 1.29 -7.35 25.08
CA PHE A 175 1.33 -7.39 25.01
C PHE A 175 0.67 -8.71 24.72
C PHE A 175 0.67 -8.72 24.63
N LEU A 176 -0.67 -8.79 24.78
CA LEU A 176 -1.42 -10.04 24.48
C LEU A 176 -1.14 -10.46 23.04
N VAL A 177 -1.22 -9.54 22.09
CA VAL A 177 -1.00 -9.81 20.64
C VAL A 177 0.42 -10.39 20.45
N TRP A 178 1.43 -9.76 21.04
CA TRP A 178 2.85 -10.19 20.88
C TRP A 178 3.03 -11.56 21.55
N PHE A 179 2.43 -11.75 22.73
CA PHE A 179 2.44 -13.06 23.46
C PHE A 179 1.92 -14.17 22.54
N LEU A 180 0.90 -13.88 21.73
CA LEU A 180 0.22 -14.91 20.89
C LEU A 180 1.13 -15.37 19.75
N TYR A 181 2.18 -14.61 19.39
CA TYR A 181 3.23 -15.10 18.44
C TYR A 181 4.00 -16.25 19.09
N GLY A 182 4.23 -16.17 20.40
CA GLY A 182 4.83 -17.26 21.19
C GLY A 182 3.90 -18.45 21.28
N PHE A 183 2.62 -18.20 21.56
CA PHE A 183 1.56 -19.25 21.56
C PHE A 183 1.55 -19.99 20.21
N ALA A 184 1.58 -19.24 19.10
CA ALA A 184 1.52 -19.80 17.72
C ALA A 184 2.71 -20.76 17.49
N PHE A 185 3.87 -20.44 18.05
CA PHE A 185 5.14 -21.19 17.88
C PHE A 185 4.91 -22.69 18.19
N MET A 186 3.97 -22.97 19.08
N MET A 186 3.96 -22.97 19.08
CA MET A 186 3.70 -24.32 19.66
CA MET A 186 3.70 -24.32 19.66
C MET A 186 3.07 -25.23 18.60
C MET A 186 3.06 -25.23 18.60
N PHE A 187 2.45 -24.65 17.56
CA PHE A 187 1.47 -25.35 16.71
C PHE A 187 2.17 -25.91 15.47
N PRO A 188 1.58 -26.96 14.86
CA PRO A 188 2.09 -27.51 13.60
C PRO A 188 2.10 -26.47 12.48
N PHE A 189 2.88 -26.75 11.45
CA PHE A 189 3.29 -25.81 10.37
C PHE A 189 2.07 -25.01 9.89
N SER A 190 1.01 -25.69 9.45
CA SER A 190 -0.11 -25.04 8.72
C SER A 190 -0.84 -24.08 9.67
N ILE A 191 -1.22 -24.56 10.85
CA ILE A 191 -1.96 -23.78 11.88
C ILE A 191 -1.09 -22.61 12.36
N LYS A 192 0.19 -22.87 12.64
CA LYS A 192 1.17 -21.85 13.09
C LYS A 192 1.18 -20.69 12.09
N ASN A 193 1.22 -21.00 10.80
CA ASN A 193 1.42 -19.96 9.74
C ASN A 193 0.10 -19.23 9.48
N GLN A 194 -1.04 -19.91 9.63
CA GLN A 194 -2.37 -19.25 9.60
C GLN A 194 -2.43 -18.22 10.72
N MET A 195 -2.04 -18.62 11.94
CA MET A 195 -2.04 -17.74 13.13
C MET A 195 -1.16 -16.51 12.87
N TYR A 196 0.07 -16.70 12.35
CA TYR A 196 1.01 -15.59 12.10
C TYR A 196 0.41 -14.63 11.06
N ASN A 197 -0.21 -15.18 10.02
CA ASN A 197 -0.81 -14.39 8.91
C ASN A 197 -1.86 -13.43 9.49
N ILE A 198 -2.69 -13.90 10.42
CA ILE A 198 -3.78 -13.08 11.04
C ILE A 198 -3.17 -12.16 12.11
N LEU A 199 -2.20 -12.64 12.89
CA LEU A 199 -1.58 -11.84 13.98
C LEU A 199 -0.92 -10.60 13.37
N ASP A 200 -0.28 -10.74 12.21
CA ASP A 200 0.43 -9.63 11.51
C ASP A 200 -0.58 -8.52 11.18
N ILE A 201 -1.79 -8.91 10.78
CA ILE A 201 -2.89 -7.93 10.49
C ILE A 201 -3.13 -7.11 11.75
N VAL A 202 -3.17 -7.76 12.93
CA VAL A 202 -3.49 -7.08 14.22
C VAL A 202 -2.28 -6.25 14.67
N SER A 203 -1.08 -6.84 14.74
CA SER A 203 0.11 -6.20 15.37
C SER A 203 0.51 -4.96 14.55
N ASN A 205 -1.22 -3.80 11.11
CA ASN A 205 -2.20 -3.06 10.27
C ASN A 205 -3.22 -2.36 11.17
N ILE A 206 -3.75 -3.07 12.16
CA ILE A 206 -4.72 -2.51 13.15
C ILE A 206 -4.05 -1.38 13.93
N TYR A 207 -2.75 -1.49 14.24
CA TYR A 207 -2.01 -0.40 14.92
C TYR A 207 -2.04 0.86 14.04
N SER A 208 -1.75 0.72 12.75
CA SER A 208 -1.75 1.85 11.77
C SER A 208 -3.14 2.48 11.75
N ILE A 209 -4.19 1.67 11.71
CA ILE A 209 -5.60 2.15 11.63
C ILE A 209 -5.93 2.90 12.92
N PHE A 210 -5.49 2.37 14.07
CA PHE A 210 -5.63 3.04 15.38
C PHE A 210 -4.99 4.44 15.33
N ILE A 211 -3.74 4.52 14.84
CA ILE A 211 -3.01 5.81 14.77
C ILE A 211 -3.78 6.76 13.85
N PHE A 212 -4.27 6.26 12.72
CA PHE A 212 -5.09 7.04 11.77
C PHE A 212 -6.30 7.64 12.49
N ILE A 213 -6.99 6.84 13.30
CA ILE A 213 -8.22 7.27 14.03
C ILE A 213 -7.84 8.40 15.00
N VAL A 214 -6.73 8.25 15.73
CA VAL A 214 -6.23 9.29 16.67
C VAL A 214 -5.97 10.57 15.89
N ILE A 215 -5.40 10.46 14.68
CA ILE A 215 -5.12 11.64 13.79
C ILE A 215 -6.46 12.28 13.39
N LEU A 216 -7.43 11.47 12.96
CA LEU A 216 -8.78 11.96 12.58
C LEU A 216 -9.38 12.75 13.75
N ASN A 217 -9.29 12.20 14.96
CA ASN A 217 -9.82 12.83 16.21
C ASN A 217 -9.15 14.18 16.42
N GLN A 218 -7.82 14.24 16.33
CA GLN A 218 -7.02 15.47 16.57
C GLN A 218 -7.33 16.51 15.50
N SER A 219 -7.46 16.09 14.23
CA SER A 219 -7.73 16.98 13.08
C SER A 219 -9.12 17.63 13.24
N TYR A 220 -10.10 16.86 13.71
CA TYR A 220 -11.49 17.36 13.93
C TYR A 220 -11.48 18.45 15.00
N LYS A 221 -10.81 18.21 16.13
CA LYS A 221 -10.60 19.20 17.23
C LYS A 221 -10.06 20.50 16.62
N LEU A 222 -9.06 20.40 15.75
CA LEU A 222 -8.44 21.55 15.05
C LEU A 222 -9.50 22.28 14.20
N LEU A 223 -10.20 21.54 13.34
CA LEU A 223 -11.29 22.07 12.46
C LEU A 223 -12.31 22.84 13.31
N LEU A 224 -12.74 22.26 14.44
CA LEU A 224 -13.81 22.79 15.32
C LEU A 224 -13.32 24.04 16.06
N GLU A 225 -12.05 24.05 16.48
CA GLU A 225 -11.37 25.21 17.12
C GLU A 225 -10.99 26.24 16.05
N ASP B 2 3.35 24.02 -1.27
CA ASP B 2 4.42 23.20 -0.63
C ASP B 2 4.03 21.72 -0.70
N ASN B 3 2.77 21.41 -0.36
CA ASN B 3 2.26 20.01 -0.31
C ASN B 3 2.10 19.46 -1.74
N ILE B 4 1.84 20.34 -2.72
CA ILE B 4 1.77 19.94 -4.16
C ILE B 4 3.17 19.49 -4.63
N ILE B 5 4.18 20.32 -4.41
CA ILE B 5 5.58 20.04 -4.84
C ILE B 5 6.07 18.79 -4.10
N MET B 6 5.73 18.67 -2.82
CA MET B 6 6.14 17.54 -1.95
C MET B 6 5.57 16.24 -2.52
N THR B 7 4.27 16.22 -2.83
CA THR B 7 3.56 15.03 -3.36
C THR B 7 4.05 14.75 -4.79
N ALA B 8 4.46 15.78 -5.53
CA ALA B 8 5.01 15.67 -6.90
C ALA B 8 6.38 14.96 -6.84
N TYR B 9 7.24 15.32 -5.88
CA TYR B 9 8.54 14.65 -5.65
C TYR B 9 8.31 13.20 -5.21
N ILE B 10 7.34 12.97 -4.32
CA ILE B 10 7.01 11.60 -3.81
C ILE B 10 6.52 10.75 -4.99
N SER B 11 5.63 11.29 -5.82
CA SER B 11 5.12 10.60 -7.03
C SER B 11 6.31 10.19 -7.91
N ILE B 12 7.23 11.13 -8.16
N ILE B 12 7.23 11.13 -8.16
CA ILE B 12 8.41 10.95 -9.07
CA ILE B 12 8.41 10.95 -9.07
C ILE B 12 9.30 9.83 -8.51
C ILE B 12 9.31 9.84 -8.51
N PHE B 13 9.46 9.78 -7.18
CA PHE B 13 10.26 8.75 -6.47
C PHE B 13 9.64 7.36 -6.75
N VAL B 14 8.32 7.23 -6.55
CA VAL B 14 7.61 5.93 -6.75
C VAL B 14 7.67 5.58 -8.25
N GLN B 15 7.53 6.57 -9.14
CA GLN B 15 7.65 6.37 -10.61
C GLN B 15 9.00 5.72 -10.94
N ILE B 16 10.10 6.26 -10.38
CA ILE B 16 11.47 5.76 -10.68
C ILE B 16 11.61 4.32 -10.17
N ILE B 17 11.14 4.03 -8.95
CA ILE B 17 11.20 2.68 -8.33
C ILE B 17 10.41 1.69 -9.20
N THR B 18 9.21 2.08 -9.61
CA THR B 18 8.29 1.24 -10.44
C THR B 18 8.93 0.95 -11.80
N ALA B 19 9.58 1.94 -12.39
CA ALA B 19 10.20 1.83 -13.73
C ALA B 19 11.34 0.80 -13.67
N ILE B 20 12.11 0.82 -12.59
CA ILE B 20 13.23 -0.13 -12.34
C ILE B 20 12.67 -1.54 -12.23
N ILE B 21 11.67 -1.73 -11.36
CA ILE B 21 10.95 -3.02 -11.16
C ILE B 21 10.42 -3.49 -12.52
N SER B 22 9.79 -2.61 -13.30
CA SER B 22 9.14 -2.95 -14.60
C SER B 22 10.18 -3.44 -15.60
N VAL B 23 11.31 -2.75 -15.70
CA VAL B 23 12.39 -3.09 -16.67
C VAL B 23 12.95 -4.47 -16.32
N TYR B 24 13.23 -4.74 -15.05
CA TYR B 24 13.64 -6.08 -14.57
C TYR B 24 12.59 -7.11 -15.00
N GLY B 25 11.32 -6.79 -14.77
CA GLY B 25 10.18 -7.68 -15.09
C GLY B 25 10.18 -8.13 -16.54
N LEU B 26 10.72 -7.31 -17.45
CA LEU B 26 10.71 -7.59 -18.91
C LEU B 26 11.68 -8.75 -19.22
N PHE B 27 12.63 -9.03 -18.32
CA PHE B 27 13.72 -10.02 -18.53
C PHE B 27 13.36 -11.36 -17.87
N ILE B 28 12.38 -11.36 -16.97
CA ILE B 28 11.93 -12.58 -16.25
C ILE B 28 11.45 -13.59 -17.29
N PRO B 29 12.00 -14.82 -17.30
CA PRO B 29 11.56 -15.83 -18.26
C PRO B 29 10.09 -16.20 -18.03
N LEU B 30 9.34 -16.34 -19.13
CA LEU B 30 7.89 -16.70 -19.14
C LEU B 30 7.66 -17.79 -20.20
N ASN B 31 6.75 -18.72 -19.91
CA ASN B 31 6.11 -19.59 -20.92
C ASN B 31 5.44 -18.73 -21.98
N PHE B 32 5.27 -19.28 -23.20
CA PHE B 32 4.66 -18.62 -24.37
C PHE B 32 3.30 -18.03 -23.99
N LYS B 33 2.51 -18.78 -23.20
CA LYS B 33 1.09 -18.49 -22.88
C LYS B 33 1.00 -17.18 -22.07
N ASP B 34 2.12 -16.76 -21.47
CA ASP B 34 2.14 -15.69 -20.43
C ASP B 34 2.71 -14.39 -21.02
N ILE B 35 3.09 -14.40 -22.30
CA ILE B 35 3.88 -13.31 -22.94
C ILE B 35 3.07 -12.00 -22.95
N ILE B 36 1.73 -12.08 -22.96
CA ILE B 36 0.85 -10.87 -22.94
C ILE B 36 1.13 -10.04 -21.68
N LEU B 37 1.58 -10.64 -20.58
CA LEU B 37 1.96 -9.90 -19.35
C LEU B 37 3.12 -8.95 -19.66
N ARG B 38 4.09 -9.42 -20.45
CA ARG B 38 5.24 -8.61 -20.94
C ARG B 38 4.72 -7.45 -21.79
N GLU B 39 3.78 -7.74 -22.69
CA GLU B 39 3.18 -6.72 -23.60
C GLU B 39 2.51 -5.64 -22.75
N ILE B 40 1.82 -6.04 -21.68
CA ILE B 40 1.15 -5.09 -20.74
C ILE B 40 2.23 -4.20 -20.10
N LEU B 41 3.29 -4.81 -19.57
CA LEU B 41 4.35 -4.08 -18.81
C LEU B 41 5.03 -3.07 -19.74
N ILE B 42 5.22 -3.42 -21.01
CA ILE B 42 5.82 -2.50 -22.02
C ILE B 42 4.91 -1.28 -22.20
N LEU B 43 3.60 -1.50 -22.31
CA LEU B 43 2.63 -0.39 -22.47
C LEU B 43 2.61 0.47 -21.21
N GLU B 44 2.70 -0.16 -20.03
CA GLU B 44 2.73 0.56 -18.73
C GLU B 44 3.98 1.46 -18.68
N LEU B 45 5.11 0.99 -19.21
CA LEU B 45 6.36 1.77 -19.24
C LEU B 45 6.24 2.95 -20.20
N ILE B 46 5.52 2.78 -21.32
CA ILE B 46 5.25 3.89 -22.28
C ILE B 46 4.41 4.97 -21.57
N VAL B 47 3.40 4.55 -20.81
CA VAL B 47 2.59 5.45 -19.94
C VAL B 47 3.55 6.19 -18.99
N GLN B 48 4.52 5.48 -18.41
CA GLN B 48 5.43 6.07 -17.39
C GLN B 48 6.25 7.21 -18.03
N ILE B 49 6.60 7.08 -19.32
CA ILE B 49 7.36 8.13 -20.05
C ILE B 49 6.54 9.43 -20.04
N ILE B 50 5.27 9.35 -20.46
N ILE B 50 5.28 9.34 -20.47
CA ILE B 50 4.34 10.50 -20.52
CA ILE B 50 4.32 10.49 -20.53
C ILE B 50 4.14 11.07 -19.11
C ILE B 50 4.16 11.06 -19.11
N GLU B 51 3.91 10.19 -18.12
CA GLU B 51 3.69 10.59 -16.71
C GLU B 51 4.93 11.36 -16.22
N PHE B 52 6.12 10.81 -16.45
CA PHE B 52 7.39 11.41 -15.96
C PHE B 52 7.53 12.83 -16.54
N ILE B 53 7.31 12.98 -17.84
CA ILE B 53 7.45 14.28 -18.55
C ILE B 53 6.52 15.30 -17.89
N PHE B 54 5.27 14.92 -17.60
CA PHE B 54 4.30 15.82 -16.92
C PHE B 54 4.83 16.22 -15.54
N TYR B 55 5.33 15.27 -14.75
CA TYR B 55 5.74 15.53 -13.34
C TYR B 55 7.00 16.41 -13.30
N ILE B 56 7.90 16.27 -14.27
CA ILE B 56 9.10 17.16 -14.39
C ILE B 56 8.61 18.57 -14.74
N TRP B 57 7.73 18.70 -15.73
CA TRP B 57 7.11 20.00 -16.10
C TRP B 57 6.48 20.63 -14.85
N LEU B 58 5.75 19.84 -14.05
CA LEU B 58 5.00 20.33 -12.87
C LEU B 58 5.98 20.86 -11.81
N ILE B 59 7.00 20.08 -11.45
CA ILE B 59 7.94 20.45 -10.34
C ILE B 59 8.73 21.71 -10.75
N ILE B 60 9.12 21.82 -12.02
CA ILE B 60 9.86 23.02 -12.54
C ILE B 60 8.89 24.22 -12.54
N THR B 61 7.66 24.02 -13.02
CA THR B 61 6.64 25.08 -13.25
C THR B 61 6.14 25.62 -11.90
N LEU B 62 6.04 24.75 -10.89
CA LEU B 62 5.39 25.04 -9.59
C LEU B 62 6.19 26.10 -8.81
N GLN B 63 7.46 26.32 -9.18
CA GLN B 63 8.32 27.38 -8.59
C GLN B 63 7.59 28.73 -8.65
N SER B 64 7.01 29.05 -9.81
CA SER B 64 6.26 30.31 -10.07
C SER B 64 4.97 30.00 -10.82
N ILE B 65 3.83 30.05 -10.12
CA ILE B 65 2.48 29.71 -10.67
C ILE B 65 1.56 30.93 -10.52
N ASN B 66 0.88 31.31 -11.61
CA ASN B 66 0.05 32.54 -11.69
C ASN B 66 -1.40 32.16 -12.03
N GLU B 67 -1.69 30.86 -12.17
CA GLU B 67 -3.03 30.35 -12.55
C GLU B 67 -3.19 28.88 -12.11
N ASP B 68 -4.41 28.36 -12.19
CA ASP B 68 -4.73 26.93 -11.97
C ASP B 68 -4.27 26.12 -13.19
N ILE B 69 -3.22 25.31 -13.02
CA ILE B 69 -2.56 24.59 -14.14
C ILE B 69 -3.02 23.13 -14.16
N THR B 70 -4.07 22.80 -13.40
CA THR B 70 -4.65 21.44 -13.32
C THR B 70 -4.94 20.93 -14.74
N TYR B 71 -5.43 21.81 -15.63
CA TYR B 71 -5.89 21.43 -16.99
C TYR B 71 -4.73 20.76 -17.75
N VAL B 72 -3.48 21.09 -17.43
CA VAL B 72 -2.30 20.54 -18.15
C VAL B 72 -2.23 19.02 -17.93
N ARG B 73 -2.76 18.51 -16.81
CA ARG B 73 -2.81 17.04 -16.54
C ARG B 73 -3.53 16.32 -17.69
N TYR B 74 -4.49 16.98 -18.34
CA TYR B 74 -5.35 16.34 -19.37
C TYR B 74 -4.52 15.98 -20.61
N PHE B 75 -3.42 16.69 -20.84
CA PHE B 75 -2.51 16.43 -21.99
C PHE B 75 -1.79 15.09 -21.77
N ASP B 76 -1.52 14.75 -20.51
CA ASP B 76 -1.08 13.41 -20.04
C ASP B 76 -2.25 12.43 -20.20
N TRP B 77 -3.37 12.71 -19.54
CA TRP B 77 -4.50 11.74 -19.39
C TRP B 77 -5.01 11.29 -20.76
N VAL B 78 -5.10 12.22 -21.72
CA VAL B 78 -5.73 11.90 -23.03
C VAL B 78 -4.89 10.84 -23.75
N LEU B 79 -3.60 10.74 -23.45
CA LEU B 79 -2.68 9.73 -24.05
C LEU B 79 -2.66 8.46 -23.19
N THR B 80 -2.62 8.60 -21.86
CA THR B 80 -2.29 7.47 -20.96
C THR B 80 -3.54 6.63 -20.65
N THR B 81 -4.69 7.27 -20.42
CA THR B 81 -5.89 6.56 -19.92
C THR B 81 -6.39 5.55 -20.96
N PRO B 82 -6.41 5.84 -22.28
CA PRO B 82 -6.81 4.81 -23.24
C PRO B 82 -5.87 3.60 -23.20
N VAL B 83 -4.56 3.82 -23.05
CA VAL B 83 -3.55 2.73 -22.98
C VAL B 83 -3.85 1.88 -21.74
N MET B 84 -4.18 2.54 -20.63
CA MET B 84 -4.44 1.86 -19.34
C MET B 84 -5.73 1.03 -19.44
N LEU B 85 -6.74 1.51 -20.16
CA LEU B 85 -7.98 0.73 -20.39
C LEU B 85 -7.65 -0.50 -21.24
N LEU B 86 -6.85 -0.33 -22.29
CA LEU B 86 -6.41 -1.44 -23.17
C LEU B 86 -5.65 -2.50 -22.34
N THR B 87 -4.73 -2.09 -21.46
CA THR B 87 -3.91 -3.04 -20.67
C THR B 87 -4.82 -3.78 -19.67
N THR B 88 -5.90 -3.15 -19.21
CA THR B 88 -6.90 -3.80 -18.33
C THR B 88 -7.65 -4.87 -19.13
N VAL B 89 -8.07 -4.53 -20.35
CA VAL B 89 -8.71 -5.52 -21.27
C VAL B 89 -7.76 -6.71 -21.43
N TYR B 90 -6.49 -6.45 -21.73
CA TYR B 90 -5.50 -7.52 -22.02
C TYR B 90 -5.40 -8.42 -20.79
N PHE B 91 -5.37 -7.84 -19.60
CA PHE B 91 -5.24 -8.61 -18.35
C PHE B 91 -6.49 -9.49 -18.13
N PHE B 92 -7.69 -8.92 -18.28
CA PHE B 92 -8.96 -9.69 -18.14
C PHE B 92 -8.95 -10.87 -19.13
N GLU B 93 -8.60 -10.61 -20.39
CA GLU B 93 -8.57 -11.66 -21.45
C GLU B 93 -7.51 -12.72 -21.11
N TYR B 94 -6.34 -12.31 -20.61
CA TYR B 94 -5.31 -13.26 -20.09
C TYR B 94 -5.94 -14.20 -19.06
N MET B 95 -6.75 -13.64 -18.14
CA MET B 95 -7.45 -14.41 -17.08
C MET B 95 -8.54 -15.31 -17.67
N ASN B 96 -9.13 -14.93 -18.81
CA ASN B 96 -10.34 -15.58 -19.39
C ASN B 96 -9.94 -16.70 -20.37
N SER B 97 -8.69 -16.72 -20.83
CA SER B 97 -8.27 -17.41 -22.09
C SER B 97 -7.32 -18.55 -21.76
N ASP B 98 -7.86 -19.76 -21.58
CA ASP B 98 -7.13 -20.94 -21.06
C ASP B 98 -6.14 -21.44 -22.11
N ASP B 99 -6.41 -21.16 -23.40
CA ASP B 99 -5.59 -21.62 -24.56
C ASP B 99 -4.45 -20.63 -24.82
N GLY B 100 -4.46 -19.48 -24.14
CA GLY B 100 -3.44 -18.43 -24.27
C GLY B 100 -3.82 -17.42 -25.34
N ILE B 101 -3.45 -16.15 -25.14
CA ILE B 101 -3.87 -15.03 -26.04
C ILE B 101 -2.82 -13.91 -25.99
N ARG B 102 -2.64 -13.19 -27.10
CA ARG B 102 -1.74 -12.01 -27.18
C ARG B 102 -2.55 -10.80 -27.62
N LYS B 103 -1.99 -9.60 -27.44
CA LYS B 103 -2.74 -8.33 -27.63
C LYS B 103 -3.16 -8.21 -29.09
N LYS B 104 -2.33 -8.68 -30.03
CA LYS B 104 -2.58 -8.52 -31.48
C LYS B 104 -3.92 -9.17 -31.84
N GLU B 105 -4.18 -10.38 -31.32
CA GLU B 105 -5.44 -11.14 -31.56
C GLU B 105 -6.62 -10.36 -30.95
N ILE B 106 -6.48 -9.83 -29.73
CA ILE B 106 -7.55 -9.03 -29.07
C ILE B 106 -7.80 -7.76 -29.90
N ASN B 107 -6.74 -7.04 -30.26
CA ASN B 107 -6.81 -5.78 -31.05
C ASN B 107 -7.55 -6.03 -32.38
N ASP B 108 -7.16 -7.08 -33.11
CA ASP B 108 -7.73 -7.42 -34.44
C ASP B 108 -9.21 -7.77 -34.27
N ARG B 109 -9.52 -8.62 -33.29
CA ARG B 109 -10.87 -9.19 -33.09
C ARG B 109 -11.82 -8.10 -32.56
N ASP B 110 -11.36 -7.26 -31.63
CA ASP B 110 -12.24 -6.42 -30.79
C ASP B 110 -12.06 -4.93 -31.13
N TYR B 111 -11.42 -4.61 -32.26
CA TYR B 111 -11.01 -3.22 -32.59
C TYR B 111 -12.18 -2.25 -32.41
N VAL B 112 -13.35 -2.61 -32.93
CA VAL B 112 -14.55 -1.71 -32.94
C VAL B 112 -14.95 -1.43 -31.49
N TYR B 113 -15.07 -2.48 -30.67
CA TYR B 113 -15.51 -2.36 -29.25
C TYR B 113 -14.48 -1.54 -28.48
N LEU B 114 -13.20 -1.82 -28.69
CA LEU B 114 -12.09 -1.13 -27.99
C LEU B 114 -12.10 0.36 -28.37
N PHE B 115 -12.38 0.68 -29.64
CA PHE B 115 -12.51 2.07 -30.13
C PHE B 115 -13.58 2.80 -29.30
N TYR B 116 -14.74 2.16 -29.08
CA TYR B 116 -15.89 2.75 -28.36
C TYR B 116 -15.56 2.92 -26.87
N ILE B 117 -14.84 1.97 -26.26
CA ILE B 117 -14.34 2.15 -24.86
C ILE B 117 -13.50 3.43 -24.79
N CYS B 118 -12.57 3.60 -25.74
CA CYS B 118 -11.65 4.77 -25.76
C CYS B 118 -12.43 6.05 -26.09
N LEU B 119 -13.48 5.95 -26.91
CA LEU B 119 -14.30 7.12 -27.29
C LEU B 119 -15.08 7.61 -26.07
N SER B 120 -15.71 6.70 -25.32
CA SER B 120 -16.42 7.04 -24.06
C SER B 120 -15.44 7.75 -23.12
N ASN B 121 -14.25 7.18 -22.98
CA ASN B 121 -13.21 7.72 -22.08
C ASN B 121 -12.80 9.12 -22.55
N PHE B 122 -12.65 9.32 -23.85
CA PHE B 122 -12.30 10.63 -24.44
C PHE B 122 -13.35 11.67 -24.05
N PHE B 123 -14.64 11.32 -24.14
CA PHE B 123 -15.75 12.24 -23.82
C PHE B 123 -15.71 12.60 -22.32
N MET B 124 -15.41 11.64 -21.46
CA MET B 124 -15.20 11.89 -20.02
C MET B 124 -14.13 12.99 -19.84
N LEU B 125 -12.97 12.84 -20.50
CA LEU B 125 -11.82 13.78 -20.35
C LEU B 125 -12.18 15.15 -20.95
N LEU B 126 -12.84 15.17 -22.11
CA LEU B 126 -13.23 16.43 -22.79
C LEU B 126 -14.14 17.24 -21.85
N ILE B 127 -15.14 16.59 -21.26
CA ILE B 127 -16.08 17.25 -20.31
C ILE B 127 -15.28 17.75 -19.10
N GLY B 128 -14.40 16.92 -18.54
CA GLY B 128 -13.48 17.32 -17.46
C GLY B 128 -12.71 18.58 -17.82
N TYR B 129 -12.12 18.59 -19.02
CA TYR B 129 -11.25 19.68 -19.51
C TYR B 129 -12.06 20.99 -19.59
N LEU B 130 -13.29 20.89 -20.11
CA LEU B 130 -14.20 22.04 -20.25
C LEU B 130 -14.54 22.60 -18.86
N GLY B 131 -14.72 21.73 -17.86
CA GLY B 131 -14.95 22.12 -16.46
C GLY B 131 -13.71 22.74 -15.82
N GLU B 132 -12.56 22.09 -16.01
CA GLU B 132 -11.26 22.51 -15.45
C GLU B 132 -10.93 23.92 -15.95
N THR B 133 -11.22 24.20 -17.22
CA THR B 133 -10.93 25.49 -17.90
C THR B 133 -12.15 26.43 -17.79
N LYS B 134 -13.15 26.05 -16.99
CA LYS B 134 -14.26 26.92 -16.54
C LYS B 134 -15.13 27.34 -17.73
N GLN B 135 -15.27 26.48 -18.74
CA GLN B 135 -16.16 26.74 -19.90
C GLN B 135 -17.54 26.13 -19.64
N ILE B 136 -17.65 25.26 -18.63
CA ILE B 136 -18.95 24.74 -18.09
C ILE B 136 -18.84 24.68 -16.56
N ASN B 137 -19.97 24.74 -15.86
CA ASN B 137 -19.98 24.79 -14.38
C ASN B 137 -19.60 23.41 -13.85
N LYS B 138 -19.18 23.35 -12.58
CA LYS B 138 -18.53 22.17 -11.97
C LYS B 138 -19.55 21.03 -11.83
N MET B 139 -20.83 21.36 -11.56
N MET B 139 -20.81 21.37 -11.54
CA MET B 139 -21.90 20.35 -11.35
CA MET B 139 -21.92 20.38 -11.37
C MET B 139 -22.16 19.61 -12.68
C MET B 139 -22.12 19.62 -12.68
N LEU B 140 -22.25 20.34 -13.80
CA LEU B 140 -22.45 19.74 -15.14
C LEU B 140 -21.24 18.85 -15.48
N THR B 141 -20.03 19.32 -15.17
CA THR B 141 -18.77 18.57 -15.43
C THR B 141 -18.81 17.24 -14.68
N LEU B 142 -19.13 17.30 -13.38
CA LEU B 142 -19.20 16.13 -12.49
C LEU B 142 -20.21 15.13 -13.06
N PHE B 143 -21.42 15.59 -13.42
CA PHE B 143 -22.47 14.69 -13.94
C PHE B 143 -22.02 14.08 -15.28
N GLY B 144 -21.63 14.91 -16.24
CA GLY B 144 -21.26 14.45 -17.59
C GLY B 144 -20.03 13.57 -17.57
N GLY B 145 -18.98 13.98 -16.84
CA GLY B 145 -17.77 13.18 -16.64
C GLY B 145 -18.10 11.83 -16.03
N SER B 146 -18.91 11.82 -14.97
CA SER B 146 -19.32 10.60 -14.24
C SER B 146 -20.12 9.69 -15.17
N PHE B 147 -21.01 10.27 -15.99
CA PHE B 147 -21.81 9.50 -16.97
C PHE B 147 -20.87 8.68 -17.85
N PHE B 148 -19.82 9.32 -18.40
CA PHE B 148 -18.90 8.65 -19.36
C PHE B 148 -17.96 7.70 -18.62
N LEU B 149 -17.53 8.03 -17.40
CA LEU B 149 -16.76 7.07 -16.55
C LEU B 149 -17.57 5.78 -16.40
N PHE B 150 -18.83 5.89 -16.00
CA PHE B 150 -19.71 4.71 -15.75
C PHE B 150 -19.91 3.96 -17.07
N LEU B 151 -20.10 4.66 -18.19
CA LEU B 151 -20.26 4.03 -19.52
C LEU B 151 -18.98 3.26 -19.88
N THR B 152 -17.82 3.87 -19.72
CA THR B 152 -16.52 3.22 -20.02
C THR B 152 -16.43 1.90 -19.24
N PHE B 153 -16.69 1.94 -17.94
CA PHE B 153 -16.49 0.78 -17.04
C PHE B 153 -17.61 -0.24 -17.28
N TYR B 154 -18.81 0.20 -17.64
CA TYR B 154 -19.92 -0.69 -18.07
C TYR B 154 -19.47 -1.51 -19.29
N LEU B 155 -18.93 -0.84 -20.31
CA LEU B 155 -18.49 -1.51 -21.57
C LEU B 155 -17.40 -2.52 -21.23
N LEU B 156 -16.46 -2.15 -20.37
CA LEU B 156 -15.35 -3.00 -19.89
C LEU B 156 -15.95 -4.22 -19.17
N TYR B 157 -16.89 -3.98 -18.27
CA TYR B 157 -17.51 -5.03 -17.41
C TYR B 157 -18.20 -6.07 -18.30
N VAL B 158 -19.09 -5.64 -19.18
CA VAL B 158 -20.09 -6.57 -19.81
C VAL B 158 -19.38 -7.44 -20.85
N LYS B 159 -18.23 -7.01 -21.36
CA LYS B 159 -17.49 -7.76 -22.42
C LYS B 159 -16.39 -8.63 -21.81
N TYR B 160 -15.67 -8.15 -20.79
CA TYR B 160 -14.32 -8.69 -20.46
C TYR B 160 -14.24 -9.29 -19.04
N THR B 161 -15.14 -8.97 -18.10
CA THR B 161 -15.03 -9.54 -16.72
C THR B 161 -15.43 -11.02 -16.73
N LYS B 162 -16.45 -11.39 -17.52
CA LYS B 162 -16.85 -12.80 -17.80
C LYS B 162 -16.93 -13.62 -16.50
N GLU B 163 -17.51 -13.05 -15.44
CA GLU B 163 -17.97 -13.78 -14.23
C GLU B 163 -16.77 -14.26 -13.42
N ASN B 164 -15.59 -13.68 -13.68
CA ASN B 164 -14.30 -14.10 -13.05
C ASN B 164 -14.04 -13.20 -11.84
N TRP B 165 -14.06 -13.75 -10.62
CA TRP B 165 -14.03 -12.95 -9.36
C TRP B 165 -12.67 -12.27 -9.23
N MET B 166 -11.63 -12.84 -9.83
CA MET B 166 -10.26 -12.25 -9.88
C MET B 166 -10.29 -11.00 -10.76
N ASN B 167 -10.99 -11.06 -11.90
CA ASN B 167 -11.30 -9.90 -12.77
C ASN B 167 -12.10 -8.87 -11.95
N TYR B 168 -13.05 -9.30 -11.14
CA TYR B 168 -13.97 -8.43 -10.36
C TYR B 168 -13.16 -7.59 -9.36
N ILE B 169 -12.21 -8.21 -8.67
CA ILE B 169 -11.34 -7.51 -7.67
C ILE B 169 -10.60 -6.38 -8.39
N VAL B 170 -9.94 -6.69 -9.49
CA VAL B 170 -9.18 -5.69 -10.31
C VAL B 170 -10.17 -4.63 -10.81
N PHE B 171 -11.30 -5.06 -11.36
CA PHE B 171 -12.32 -4.16 -11.96
C PHE B 171 -12.77 -3.12 -10.93
N TYR B 172 -13.19 -3.57 -9.75
CA TYR B 172 -13.85 -2.69 -8.76
C TYR B 172 -12.80 -1.77 -8.11
N PHE B 173 -11.59 -2.27 -7.87
CA PHE B 173 -10.48 -1.45 -7.32
C PHE B 173 -10.19 -0.34 -8.33
N MET B 174 -10.02 -0.72 -9.59
CA MET B 174 -9.70 0.25 -10.67
C MET B 174 -10.83 1.29 -10.76
N PHE B 175 -12.08 0.84 -10.80
N PHE B 175 -12.09 0.85 -10.75
CA PHE B 175 -13.26 1.73 -10.85
CA PHE B 175 -13.28 1.73 -10.87
C PHE B 175 -13.16 2.77 -9.73
C PHE B 175 -13.29 2.75 -9.72
N LEU B 176 -13.01 2.30 -8.49
CA LEU B 176 -12.98 3.19 -7.31
C LEU B 176 -11.89 4.24 -7.50
N VAL B 177 -10.70 3.81 -7.93
CA VAL B 177 -9.52 4.71 -8.08
C VAL B 177 -9.85 5.78 -9.13
N TRP B 178 -10.42 5.38 -10.27
CA TRP B 178 -10.76 6.33 -11.37
C TRP B 178 -11.89 7.27 -10.90
N PHE B 179 -12.89 6.74 -10.19
CA PHE B 179 -13.99 7.54 -9.60
C PHE B 179 -13.39 8.67 -8.73
N LEU B 180 -12.32 8.38 -7.99
CA LEU B 180 -11.72 9.35 -7.04
C LEU B 180 -11.06 10.51 -7.79
N TYR B 181 -10.70 10.34 -9.06
CA TYR B 181 -10.26 11.49 -9.91
C TYR B 181 -11.41 12.49 -10.05
N GLY B 182 -12.64 11.99 -10.23
CA GLY B 182 -13.86 12.81 -10.25
C GLY B 182 -14.10 13.48 -8.91
N PHE B 183 -14.00 12.72 -7.81
CA PHE B 183 -14.11 13.24 -6.43
C PHE B 183 -13.13 14.41 -6.24
N ALA B 184 -11.87 14.23 -6.67
CA ALA B 184 -10.79 15.23 -6.51
C ALA B 184 -11.18 16.53 -7.23
N PHE B 185 -11.91 16.44 -8.35
CA PHE B 185 -12.25 17.59 -9.22
C PHE B 185 -12.96 18.68 -8.39
N MET B 186 -13.63 18.27 -7.30
N MET B 186 -13.64 18.27 -7.31
CA MET B 186 -14.54 19.10 -6.48
CA MET B 186 -14.53 19.12 -6.49
C MET B 186 -13.74 20.07 -5.60
C MET B 186 -13.73 20.11 -5.66
N PHE B 187 -12.45 19.81 -5.41
CA PHE B 187 -11.66 20.41 -4.30
C PHE B 187 -10.89 21.61 -4.81
N PRO B 188 -10.53 22.57 -3.92
CA PRO B 188 -9.70 23.71 -4.30
C PRO B 188 -8.33 23.27 -4.82
N PHE B 189 -7.68 24.16 -5.56
CA PHE B 189 -6.48 23.89 -6.38
C PHE B 189 -5.51 22.97 -5.63
N SER B 190 -5.08 23.38 -4.44
N SER B 190 -5.09 23.37 -4.43
CA SER B 190 -3.96 22.74 -3.69
CA SER B 190 -3.96 22.74 -3.69
C SER B 190 -4.34 21.29 -3.35
C SER B 190 -4.33 21.29 -3.34
N ILE B 191 -5.46 21.10 -2.67
CA ILE B 191 -5.95 19.76 -2.23
C ILE B 191 -6.17 18.90 -3.49
N LYS B 192 -6.78 19.47 -4.53
CA LYS B 192 -7.10 18.75 -5.78
C LYS B 192 -5.81 18.16 -6.38
N ASN B 193 -4.74 18.96 -6.42
CA ASN B 193 -3.48 18.56 -7.10
C ASN B 193 -2.70 17.58 -6.22
N GLN B 194 -2.81 17.69 -4.90
CA GLN B 194 -2.23 16.70 -3.96
C GLN B 194 -2.89 15.34 -4.20
N MET B 195 -4.22 15.33 -4.29
CA MET B 195 -5.02 14.10 -4.55
C MET B 195 -4.56 13.46 -5.87
N TYR B 196 -4.43 14.23 -6.95
CA TYR B 196 -4.07 13.72 -8.30
C TYR B 196 -2.65 13.15 -8.27
N ASN B 197 -1.75 13.82 -7.55
CA ASN B 197 -0.32 13.37 -7.42
C ASN B 197 -0.28 11.98 -6.80
N ILE B 198 -1.11 11.71 -5.79
CA ILE B 198 -1.12 10.39 -5.09
C ILE B 198 -1.96 9.38 -5.89
N LEU B 199 -3.09 9.80 -6.45
CA LEU B 199 -3.97 8.91 -7.26
C LEU B 199 -3.17 8.32 -8.42
N ASP B 200 -2.28 9.09 -9.03
CA ASP B 200 -1.45 8.64 -10.19
C ASP B 200 -0.54 7.48 -9.74
N ILE B 201 0.00 7.54 -8.53
N ILE B 201 0.01 7.55 -8.53
CA ILE B 201 0.81 6.44 -7.92
CA ILE B 201 0.80 6.44 -7.91
C ILE B 201 -0.03 5.16 -7.95
C ILE B 201 -0.03 5.16 -7.97
N VAL B 202 -1.30 5.24 -7.54
CA VAL B 202 -2.20 4.06 -7.40
C VAL B 202 -2.65 3.60 -8.79
N SER B 203 -3.17 4.49 -9.64
CA SER B 203 -3.81 4.09 -10.92
C SER B 203 -2.74 3.51 -11.88
N ASN B 205 1.21 3.29 -11.09
CA ASN B 205 2.44 2.63 -10.57
C ASN B 205 2.07 1.32 -9.85
N ILE B 206 1.01 1.33 -9.05
CA ILE B 206 0.53 0.10 -8.34
C ILE B 206 0.10 -0.94 -9.38
N TYR B 207 -0.51 -0.54 -10.50
CA TYR B 207 -0.92 -1.48 -11.57
C TYR B 207 0.34 -2.17 -12.14
N SER B 208 1.38 -1.39 -12.44
CA SER B 208 2.67 -1.89 -12.97
C SER B 208 3.25 -2.93 -11.99
N ILE B 209 3.30 -2.60 -10.71
CA ILE B 209 3.86 -3.49 -9.66
C ILE B 209 3.00 -4.75 -9.57
N PHE B 210 1.68 -4.62 -9.71
CA PHE B 210 0.74 -5.76 -9.72
C PHE B 210 1.12 -6.70 -10.86
N ILE B 211 1.32 -6.16 -12.06
CA ILE B 211 1.62 -6.97 -13.27
C ILE B 211 2.98 -7.65 -13.06
N PHE B 212 3.94 -6.92 -12.51
CA PHE B 212 5.30 -7.44 -12.19
C PHE B 212 5.17 -8.65 -11.27
N ILE B 213 4.34 -8.57 -10.23
CA ILE B 213 4.14 -9.68 -9.26
C ILE B 213 3.51 -10.88 -9.98
N VAL B 214 2.50 -10.65 -10.82
CA VAL B 214 1.86 -11.74 -11.61
C VAL B 214 2.94 -12.43 -12.47
N ILE B 215 3.82 -11.66 -13.10
CA ILE B 215 4.96 -12.18 -13.91
C ILE B 215 5.87 -13.01 -13.00
N LEU B 216 6.26 -12.47 -11.84
CA LEU B 216 7.14 -13.17 -10.86
C LEU B 216 6.51 -14.53 -10.54
N ASN B 217 5.21 -14.54 -10.23
CA ASN B 217 4.43 -15.75 -9.87
C ASN B 217 4.52 -16.75 -11.01
N GLN B 218 4.25 -16.29 -12.24
CA GLN B 218 4.19 -17.16 -13.45
C GLN B 218 5.59 -17.74 -13.71
N SER B 219 6.63 -16.92 -13.52
CA SER B 219 8.05 -17.29 -13.78
C SER B 219 8.48 -18.40 -12.81
N TYR B 220 8.05 -18.31 -11.55
CA TYR B 220 8.39 -19.26 -10.48
C TYR B 220 7.79 -20.64 -10.78
N LYS B 221 6.57 -20.67 -11.30
CA LYS B 221 5.92 -21.90 -11.84
C LYS B 221 6.83 -22.51 -12.92
N LEU B 222 7.28 -21.69 -13.88
CA LEU B 222 8.23 -22.11 -14.95
C LEU B 222 9.46 -22.77 -14.33
N LEU B 223 10.19 -22.02 -13.49
CA LEU B 223 11.44 -22.48 -12.80
C LEU B 223 11.17 -23.83 -12.12
N LEU B 224 10.00 -23.98 -11.50
CA LEU B 224 9.62 -25.16 -10.67
C LEU B 224 9.42 -26.38 -11.58
N GLU B 225 9.00 -26.16 -12.82
CA GLU B 225 8.88 -27.18 -13.89
C GLU B 225 10.14 -27.16 -14.77
#